data_6Y6P
#
_entry.id   6Y6P
#
_cell.length_a   53.596
_cell.length_b   92.224
_cell.length_c   94.033
_cell.angle_alpha   90.000
_cell.angle_beta   90.000
_cell.angle_gamma   90.000
#
_symmetry.space_group_name_H-M   'P 21 21 21'
#
loop_
_entity.id
_entity.type
_entity.pdbx_description
1 polymer 'Envelope polyprotein'
2 branched 2-acetamido-2-deoxy-beta-D-glucopyranose-(1-4)-2-acetamido-2-deoxy-beta-D-glucopyranose
3 water water
#
_entity_poly.entity_id   1
_entity_poly.type   'polypeptide(L)'
_entity_poly.pdbx_seq_one_letter_code
;RNVYDMKIECPHTVSFGENSVIGYVELPPVPLADTAQMVPESSCNMDNHQSLNTITKYTQVSWRGKADQSQSSQNSFETV
STEVDLKGTCVLKHKMVEESYRSRKSVTCYDLSCNSTYCKPTLYMIVPIHACNMMKSCLIALGPYRVQVVYERSYCMTGV
LIEGKCFVPDQSVVSIIKHGIFDIASVHIVCFFVAVKGNTYKIFEQVKKSFESTCNDTENKVQGYYICIVGGNSAPIYVP
TLDDFRSMEAFTGIFRSPHGEDHDLAGEEIASYSIVGPANAKVPHSASSDTLSLIAYSGIPSYSSLSILTSSTEAKHVFS
PGLFPKLNHTNCDKSAIPLIWTGMIDLPGYYEFEDDDDKAGWSHPQFEKGGGSGGGSGGGSWSHPQFEK
;
_entity_poly.pdbx_strand_id   A
#
# COMPACT_ATOMS: atom_id res chain seq x y z
N ARG A 1 -18.13 -12.19 -17.29
CA ARG A 1 -17.21 -12.36 -18.40
C ARG A 1 -15.79 -11.95 -18.01
N ASN A 2 -15.51 -12.02 -16.69
CA ASN A 2 -14.24 -11.61 -16.09
C ASN A 2 -13.89 -10.15 -16.41
N VAL A 3 -14.90 -9.29 -16.59
CA VAL A 3 -14.72 -7.87 -16.86
C VAL A 3 -15.15 -7.06 -15.64
N TYR A 4 -14.25 -6.19 -15.16
CA TYR A 4 -14.41 -5.45 -13.92
C TYR A 4 -14.17 -3.98 -14.24
N ASP A 5 -14.72 -3.10 -13.44
CA ASP A 5 -14.60 -1.67 -13.69
C ASP A 5 -13.58 -1.02 -12.77
N MET A 6 -12.84 -0.03 -13.30
CA MET A 6 -12.10 0.88 -12.46
C MET A 6 -12.41 2.32 -12.82
N LYS A 7 -12.79 3.12 -11.84
CA LYS A 7 -13.21 4.50 -12.06
C LYS A 7 -12.11 5.45 -11.63
N ILE A 8 -11.72 6.34 -12.51
CA ILE A 8 -10.85 7.47 -12.22
C ILE A 8 -11.80 8.66 -12.10
N GLU A 9 -11.93 9.25 -10.89
CA GLU A 9 -12.86 10.36 -10.66
C GLU A 9 -12.10 11.70 -10.85
N CYS A 10 -12.25 12.31 -12.01
CA CYS A 10 -11.55 13.56 -12.30
C CYS A 10 -12.32 14.73 -11.72
N PRO A 11 -11.74 15.49 -10.79
CA PRO A 11 -12.47 16.62 -10.21
C PRO A 11 -12.61 17.74 -11.24
N HIS A 12 -13.61 18.56 -11.01
CA HIS A 12 -13.81 19.70 -11.90
C HIS A 12 -12.68 20.73 -11.75
N THR A 13 -12.14 20.94 -10.54
CA THR A 13 -11.03 21.89 -10.36
C THR A 13 -10.05 21.35 -9.32
N VAL A 14 -8.75 21.58 -9.51
CA VAL A 14 -7.74 21.30 -8.49
C VAL A 14 -6.78 22.47 -8.51
N SER A 15 -6.03 22.65 -7.41
CA SER A 15 -5.12 23.80 -7.38
C SER A 15 -3.85 23.56 -8.21
N PHE A 16 -3.23 22.36 -8.15
CA PHE A 16 -1.88 22.17 -8.67
C PHE A 16 -1.84 21.02 -9.67
N GLY A 17 -0.96 21.15 -10.68
CA GLY A 17 -0.71 20.02 -11.58
C GLY A 17 -0.01 18.87 -10.89
N GLU A 18 0.61 19.13 -9.74
CA GLU A 18 1.27 18.07 -8.97
C GLU A 18 0.21 17.52 -8.01
N ASN A 19 -0.63 16.66 -8.56
CA ASN A 19 -1.84 16.15 -7.90
C ASN A 19 -2.13 14.84 -8.64
N SER A 20 -2.30 13.76 -7.89
CA SER A 20 -2.62 12.43 -8.41
C SER A 20 -4.05 12.05 -8.03
N VAL A 21 -4.73 11.37 -8.92
CA VAL A 21 -6.02 10.77 -8.69
C VAL A 21 -5.75 9.27 -8.58
N ILE A 22 -6.39 8.61 -7.62
CA ILE A 22 -6.17 7.18 -7.40
C ILE A 22 -7.41 6.42 -7.84
N GLY A 23 -7.23 5.37 -8.65
CA GLY A 23 -8.31 4.42 -8.91
C GLY A 23 -7.87 3.07 -8.38
N TYR A 24 -8.84 2.25 -7.97
CA TYR A 24 -8.42 0.87 -7.62
C TYR A 24 -9.60 -0.05 -7.76
N VAL A 25 -9.29 -1.33 -7.83
CA VAL A 25 -10.36 -2.32 -7.88
C VAL A 25 -9.84 -3.61 -7.27
N GLU A 26 -10.59 -4.18 -6.34
CA GLU A 26 -10.25 -5.50 -5.80
C GLU A 26 -10.81 -6.60 -6.70
N LEU A 27 -9.96 -7.56 -7.10
CA LEU A 27 -10.38 -8.59 -8.07
C LEU A 27 -10.55 -9.94 -7.40
N PRO A 28 -11.28 -10.89 -8.01
CA PRO A 28 -11.48 -12.20 -7.34
C PRO A 28 -10.18 -12.97 -7.23
N PRO A 29 -10.14 -14.00 -6.38
CA PRO A 29 -8.90 -14.74 -6.15
C PRO A 29 -8.44 -15.54 -7.34
N VAL A 30 -7.11 -15.67 -7.47
CA VAL A 30 -6.48 -16.58 -8.44
C VAL A 30 -5.55 -17.55 -7.70
N PRO A 31 -5.30 -18.75 -8.26
CA PRO A 31 -4.31 -19.67 -7.69
C PRO A 31 -2.97 -18.98 -7.42
N LEU A 32 -2.41 -19.25 -6.24
CA LEU A 32 -1.12 -18.68 -5.88
C LEU A 32 -0.05 -18.93 -6.96
N ALA A 33 -0.04 -20.12 -7.56
CA ALA A 33 0.92 -20.41 -8.63
C ALA A 33 0.86 -19.41 -9.78
N ASP A 34 -0.32 -18.86 -10.07
CA ASP A 34 -0.50 -17.91 -11.16
C ASP A 34 0.09 -16.51 -10.86
N THR A 35 0.43 -16.19 -9.60
CA THR A 35 0.98 -14.86 -9.32
C THR A 35 2.32 -14.63 -10.00
N ALA A 36 3.12 -15.70 -10.19
CA ALA A 36 4.45 -15.56 -10.77
C ALA A 36 4.39 -14.96 -12.16
N GLN A 37 3.30 -15.14 -12.89
CA GLN A 37 3.23 -14.58 -14.23
C GLN A 37 2.42 -13.29 -14.31
N MET A 38 1.81 -12.84 -13.22
CA MET A 38 0.89 -11.73 -13.28
C MET A 38 1.62 -10.40 -13.48
N VAL A 39 1.12 -9.61 -14.40
CA VAL A 39 1.73 -8.30 -14.63
C VAL A 39 0.63 -7.47 -15.31
N PRO A 40 0.40 -6.23 -14.88
CA PRO A 40 -0.63 -5.43 -15.54
C PRO A 40 -0.21 -5.15 -16.97
N GLU A 41 -1.15 -5.28 -17.90
CA GLU A 41 -0.92 -4.86 -19.28
C GLU A 41 -1.97 -3.81 -19.60
N SER A 42 -1.53 -2.58 -19.74
CA SER A 42 -2.39 -1.40 -19.79
C SER A 42 -2.30 -0.75 -21.16
N SER A 43 -3.45 -0.31 -21.67
CA SER A 43 -3.47 0.54 -22.84
C SER A 43 -3.60 2.01 -22.48
N CYS A 44 -3.37 2.36 -21.19
CA CYS A 44 -3.73 3.68 -20.70
C CYS A 44 -2.74 4.78 -21.10
N ASN A 45 -1.48 4.50 -21.33
CA ASN A 45 -0.57 5.54 -21.83
C ASN A 45 -0.41 5.43 -23.34
N MET A 46 -0.23 6.58 -24.01
CA MET A 46 0.00 6.54 -25.46
C MET A 46 1.28 5.81 -25.81
N ASP A 47 2.38 6.18 -25.18
CA ASP A 47 3.57 5.34 -25.22
C ASP A 47 3.40 4.17 -24.27
N ASN A 48 3.56 2.96 -24.79
CA ASN A 48 3.31 1.73 -24.04
C ASN A 48 4.54 1.23 -23.29
N HIS A 49 5.32 2.15 -22.72
CA HIS A 49 6.42 1.77 -21.81
C HIS A 49 5.87 1.82 -20.39
N GLN A 50 5.57 0.63 -19.84
CA GLN A 50 4.95 0.47 -18.52
C GLN A 50 6.05 0.25 -17.49
N SER A 51 6.48 1.37 -16.88
CA SER A 51 7.72 1.40 -16.11
C SER A 51 7.71 0.42 -14.93
N LEU A 52 6.55 0.13 -14.37
CA LEU A 52 6.54 -0.73 -13.19
C LEU A 52 6.46 -2.21 -13.51
N ASN A 53 6.44 -2.58 -14.79
CA ASN A 53 6.57 -3.98 -15.15
C ASN A 53 8.02 -4.44 -15.00
N THR A 54 8.81 -3.64 -14.28
CA THR A 54 10.09 -4.04 -13.74
C THR A 54 9.94 -5.18 -12.69
N ILE A 55 10.97 -6.04 -12.60
CA ILE A 55 11.03 -7.11 -11.61
C ILE A 55 11.44 -6.52 -10.26
N THR A 56 10.74 -6.92 -9.20
CA THR A 56 11.29 -6.79 -7.85
C THR A 56 11.54 -8.20 -7.30
N LYS A 57 12.69 -8.39 -6.65
CA LYS A 57 13.01 -9.68 -6.07
C LYS A 57 12.37 -9.72 -4.68
N TYR A 58 11.52 -10.71 -4.47
CA TYR A 58 10.90 -10.90 -3.17
C TYR A 58 11.44 -12.16 -2.49
N THR A 59 11.30 -12.22 -1.18
CA THR A 59 11.41 -13.51 -0.47
C THR A 59 10.00 -13.99 -0.24
N GLN A 60 9.65 -15.10 -0.85
CA GLN A 60 8.33 -15.67 -0.68
C GLN A 60 8.41 -16.61 0.53
N VAL A 61 7.59 -16.37 1.52
CA VAL A 61 7.58 -17.15 2.75
C VAL A 61 6.27 -17.93 2.82
N SER A 62 6.32 -19.25 2.98
CA SER A 62 5.11 -20.05 3.06
C SER A 62 5.20 -21.04 4.22
N TRP A 63 4.05 -21.61 4.61
CA TRP A 63 3.99 -22.63 5.63
C TRP A 63 3.23 -23.82 5.03
N ARG A 64 3.11 -24.91 5.80
CA ARG A 64 2.42 -26.11 5.33
C ARG A 64 1.09 -25.78 4.67
N GLY A 65 0.34 -24.86 5.23
CA GLY A 65 -0.92 -24.46 4.67
C GLY A 65 -2.14 -25.19 5.21
N LYS A 66 -1.96 -26.22 6.02
CA LYS A 66 -3.05 -27.04 6.55
C LYS A 66 -2.81 -27.23 8.04
N ALA A 67 -3.83 -26.93 8.86
CA ALA A 67 -3.75 -27.13 10.30
C ALA A 67 -4.07 -28.57 10.67
N ASP A 68 -3.34 -29.09 11.65
CA ASP A 68 -3.61 -30.42 12.16
C ASP A 68 -4.86 -30.43 13.03
N GLN A 69 -4.98 -31.44 13.86
CA GLN A 69 -6.07 -31.55 14.80
C GLN A 69 -5.68 -31.06 16.19
N SER A 70 -4.60 -30.30 16.30
CA SER A 70 -4.18 -29.84 17.63
C SER A 70 -4.22 -28.32 17.69
N GLN A 71 -5.40 -27.74 17.46
CA GLN A 71 -5.56 -26.28 17.46
C GLN A 71 -5.08 -25.66 18.77
N SER A 72 -5.36 -26.31 19.92
CA SER A 72 -5.02 -25.71 21.22
C SER A 72 -3.51 -25.49 21.38
N SER A 73 -2.69 -26.46 20.96
CA SER A 73 -1.24 -26.33 21.13
C SER A 73 -0.72 -25.30 20.15
N GLN A 74 0.14 -24.42 20.61
CA GLN A 74 0.64 -23.38 19.72
C GLN A 74 2.11 -23.62 19.35
N ASN A 75 2.47 -24.88 19.03
CA ASN A 75 3.73 -25.17 18.37
C ASN A 75 3.86 -24.23 17.17
N SER A 76 5.07 -23.74 16.93
N SER A 76 5.04 -23.68 16.95
CA SER A 76 5.34 -22.97 15.75
CA SER A 76 5.19 -22.92 15.74
C SER A 76 5.30 -23.86 14.51
C SER A 76 5.19 -23.85 14.53
N PHE A 77 5.10 -23.24 13.35
CA PHE A 77 5.09 -23.91 12.06
C PHE A 77 6.34 -23.56 11.29
N GLU A 78 6.99 -24.58 10.72
CA GLU A 78 8.15 -24.37 9.88
C GLU A 78 7.77 -23.61 8.61
N THR A 79 8.62 -22.68 8.18
CA THR A 79 8.39 -21.99 6.91
C THR A 79 9.45 -22.36 5.90
N VAL A 80 9.11 -22.12 4.64
CA VAL A 80 10.05 -22.20 3.52
C VAL A 80 10.23 -20.78 2.95
N SER A 81 11.48 -20.36 2.70
CA SER A 81 11.75 -19.06 2.07
C SER A 81 12.36 -19.32 0.70
N THR A 82 11.80 -18.69 -0.32
CA THR A 82 12.27 -18.83 -1.71
C THR A 82 12.38 -17.47 -2.37
N GLU A 83 13.46 -17.24 -3.16
CA GLU A 83 13.57 -15.98 -3.89
C GLU A 83 12.73 -16.07 -5.16
N VAL A 84 11.88 -15.05 -5.38
CA VAL A 84 10.97 -15.04 -6.50
C VAL A 84 10.97 -13.64 -7.08
N ASP A 85 10.79 -13.58 -8.40
CA ASP A 85 10.67 -12.32 -9.14
C ASP A 85 9.20 -12.03 -9.33
N LEU A 86 8.75 -10.87 -8.85
CA LEU A 86 7.38 -10.47 -9.07
C LEU A 86 7.42 -9.18 -9.88
N LYS A 87 6.59 -9.10 -10.94
CA LYS A 87 6.52 -7.90 -11.77
C LYS A 87 5.20 -7.16 -11.52
N GLY A 88 5.27 -5.85 -11.47
CA GLY A 88 4.04 -5.08 -11.41
C GLY A 88 3.45 -4.88 -10.03
N THR A 89 4.09 -5.35 -8.94
CA THR A 89 3.50 -5.02 -7.63
C THR A 89 3.82 -3.59 -7.32
N CYS A 90 3.10 -3.01 -6.34
CA CYS A 90 3.23 -1.57 -6.06
C CYS A 90 4.49 -1.25 -5.27
N VAL A 91 5.61 -1.34 -5.97
CA VAL A 91 6.90 -0.96 -5.41
C VAL A 91 7.28 0.31 -6.14
N LEU A 92 6.99 1.47 -5.54
CA LEU A 92 7.21 2.74 -6.26
C LEU A 92 8.66 3.14 -6.14
N LYS A 93 9.29 3.50 -7.27
CA LYS A 93 10.65 4.03 -7.26
C LYS A 93 10.64 5.49 -6.79
N HIS A 94 11.70 5.87 -6.09
CA HIS A 94 11.87 7.26 -5.70
C HIS A 94 11.78 8.19 -6.89
N LYS A 95 10.85 9.16 -6.83
CA LYS A 95 10.61 10.23 -7.81
C LYS A 95 9.66 9.79 -8.94
N MET A 96 9.22 8.53 -8.98
CA MET A 96 8.36 8.10 -10.07
C MET A 96 7.04 8.88 -10.07
N VAL A 97 6.43 9.11 -8.89
CA VAL A 97 5.15 9.82 -8.86
C VAL A 97 5.36 11.26 -9.28
N GLU A 98 6.42 11.88 -8.77
CA GLU A 98 6.73 13.25 -9.13
C GLU A 98 6.96 13.39 -10.63
N GLU A 99 7.67 12.43 -11.24
CA GLU A 99 7.95 12.55 -12.67
C GLU A 99 6.67 12.42 -13.51
N SER A 100 5.68 11.63 -13.03
CA SER A 100 4.41 11.48 -13.72
C SER A 100 3.71 12.80 -13.94
N TYR A 101 3.90 13.78 -13.04
CA TYR A 101 3.16 15.04 -13.19
C TYR A 101 3.57 15.78 -14.47
N ARG A 102 4.81 15.57 -14.95
CA ARG A 102 5.39 16.12 -16.18
C ARG A 102 5.27 15.21 -17.42
N SER A 103 5.47 13.88 -17.27
CA SER A 103 5.29 12.99 -18.41
C SER A 103 3.83 12.73 -18.69
N ARG A 104 2.95 12.97 -17.71
CA ARG A 104 1.53 12.75 -17.79
C ARG A 104 1.20 11.26 -17.91
N LYS A 105 2.15 10.40 -17.54
CA LYS A 105 1.90 8.97 -17.60
C LYS A 105 1.37 8.45 -16.27
N SER A 106 0.37 7.60 -16.35
CA SER A 106 -0.10 7.02 -15.11
C SER A 106 0.73 5.78 -14.76
N VAL A 107 0.70 5.44 -13.48
CA VAL A 107 1.40 4.31 -12.88
C VAL A 107 0.34 3.29 -12.52
N THR A 108 0.56 2.03 -12.91
CA THR A 108 -0.35 0.92 -12.69
C THR A 108 0.36 -0.21 -11.96
N CYS A 109 -0.23 -0.75 -10.89
CA CYS A 109 0.46 -1.79 -10.12
C CYS A 109 -0.58 -2.51 -9.26
N TYR A 110 -0.18 -3.60 -8.56
CA TYR A 110 -1.14 -4.34 -7.77
C TYR A 110 -0.54 -4.72 -6.41
N ASP A 111 -1.43 -4.82 -5.42
CA ASP A 111 -1.24 -5.42 -4.11
C ASP A 111 -1.77 -6.87 -4.14
N LEU A 112 -1.29 -7.70 -3.23
CA LEU A 112 -1.73 -9.10 -3.15
C LEU A 112 -2.14 -9.38 -1.73
N SER A 113 -3.28 -10.01 -1.56
CA SER A 113 -3.74 -10.52 -0.27
C SER A 113 -4.01 -12.00 -0.48
N CYS A 114 -3.27 -12.89 0.23
CA CYS A 114 -3.26 -14.31 -0.11
C CYS A 114 -3.34 -15.19 1.12
N ASN A 115 -4.09 -16.29 1.00
CA ASN A 115 -3.91 -17.37 1.95
C ASN A 115 -2.88 -18.33 1.34
N SER A 116 -2.80 -19.58 1.79
CA SER A 116 -1.72 -20.43 1.32
C SER A 116 -1.91 -20.90 -0.10
N THR A 117 -3.12 -20.77 -0.65
CA THR A 117 -3.40 -21.34 -1.95
C THR A 117 -3.99 -20.35 -2.98
N TYR A 118 -4.57 -19.22 -2.54
CA TYR A 118 -5.25 -18.25 -3.42
C TYR A 118 -4.86 -16.82 -3.03
N CYS A 119 -4.81 -15.95 -4.05
CA CYS A 119 -4.43 -14.54 -3.95
C CYS A 119 -5.52 -13.65 -4.53
N LYS A 120 -5.91 -12.59 -3.79
CA LYS A 120 -6.80 -11.56 -4.32
C LYS A 120 -5.91 -10.37 -4.72
N PRO A 121 -5.80 -10.04 -5.98
CA PRO A 121 -5.05 -8.83 -6.33
C PRO A 121 -5.94 -7.60 -6.19
N THR A 122 -5.34 -6.47 -5.73
CA THR A 122 -6.00 -5.18 -5.78
C THR A 122 -5.17 -4.31 -6.74
N LEU A 123 -5.77 -3.94 -7.87
CA LEU A 123 -5.11 -3.17 -8.91
C LEU A 123 -5.26 -1.68 -8.62
N TYR A 124 -4.14 -0.91 -8.67
CA TYR A 124 -4.17 0.54 -8.40
C TYR A 124 -3.75 1.24 -9.68
N MET A 125 -4.33 2.40 -9.96
CA MET A 125 -3.81 3.33 -10.93
C MET A 125 -3.61 4.65 -10.24
N ILE A 126 -2.43 5.26 -10.46
CA ILE A 126 -2.09 6.52 -9.84
C ILE A 126 -1.96 7.50 -11.01
N VAL A 127 -2.93 8.39 -11.16
CA VAL A 127 -3.11 9.15 -12.40
C VAL A 127 -2.72 10.60 -12.14
N PRO A 128 -1.80 11.20 -12.92
CA PRO A 128 -1.50 12.62 -12.71
C PRO A 128 -2.64 13.45 -13.26
N ILE A 129 -3.00 14.52 -12.56
CA ILE A 129 -4.27 15.20 -12.83
C ILE A 129 -4.36 15.67 -14.30
N HIS A 130 -3.23 16.06 -14.91
CA HIS A 130 -3.33 16.57 -16.28
C HIS A 130 -3.81 15.52 -17.26
N ALA A 131 -3.70 14.24 -16.90
CA ALA A 131 -4.15 13.19 -17.83
C ALA A 131 -5.67 13.12 -17.90
N CYS A 132 -6.37 13.65 -16.89
CA CYS A 132 -7.84 13.75 -16.98
C CYS A 132 -8.30 14.53 -18.20
N ASN A 133 -7.47 15.40 -18.76
CA ASN A 133 -7.87 16.11 -19.97
C ASN A 133 -7.41 15.44 -21.27
N MET A 134 -6.93 14.21 -21.19
CA MET A 134 -6.41 13.52 -22.38
C MET A 134 -7.05 12.17 -22.64
N MET A 135 -7.82 11.64 -21.72
CA MET A 135 -8.16 10.23 -21.64
C MET A 135 -9.65 10.13 -21.41
N LYS A 136 -10.31 9.15 -22.02
CA LYS A 136 -11.67 8.86 -21.59
C LYS A 136 -11.81 7.45 -21.02
N SER A 137 -11.18 6.46 -21.65
CA SER A 137 -11.25 5.12 -21.11
C SER A 137 -10.06 4.35 -21.66
N CYS A 138 -9.75 3.26 -20.98
CA CYS A 138 -8.71 2.33 -21.46
C CYS A 138 -8.89 0.97 -20.80
N LEU A 139 -7.97 0.06 -21.09
CA LEU A 139 -8.12 -1.31 -20.66
C LEU A 139 -6.86 -1.82 -19.96
N ILE A 140 -7.02 -2.55 -18.83
CA ILE A 140 -5.88 -3.22 -18.16
C ILE A 140 -6.21 -4.71 -18.05
N ALA A 141 -5.29 -5.56 -18.55
CA ALA A 141 -5.36 -7.00 -18.37
C ALA A 141 -4.44 -7.39 -17.22
N LEU A 142 -4.95 -8.21 -16.33
CA LEU A 142 -4.20 -8.74 -15.18
C LEU A 142 -4.68 -10.15 -14.96
N GLY A 143 -3.76 -11.13 -15.15
CA GLY A 143 -4.14 -12.55 -15.13
C GLY A 143 -5.32 -12.80 -16.06
N PRO A 144 -6.32 -13.49 -15.54
CA PRO A 144 -7.55 -13.73 -16.33
C PRO A 144 -8.47 -12.53 -16.47
N TYR A 145 -8.16 -11.38 -15.87
CA TYR A 145 -9.12 -10.29 -15.78
C TYR A 145 -8.86 -9.18 -16.79
N ARG A 146 -9.95 -8.54 -17.19
CA ARG A 146 -9.97 -7.38 -18.05
C ARG A 146 -10.67 -6.27 -17.28
N VAL A 147 -9.95 -5.21 -17.00
CA VAL A 147 -10.46 -4.09 -16.21
C VAL A 147 -10.68 -2.94 -17.16
N GLN A 148 -11.93 -2.48 -17.23
N GLN A 148 -11.92 -2.49 -17.29
CA GLN A 148 -12.32 -1.31 -18.00
CA GLN A 148 -12.22 -1.34 -18.13
C GLN A 148 -12.10 -0.06 -17.15
C GLN A 148 -12.12 -0.09 -17.26
N VAL A 149 -11.14 0.76 -17.54
CA VAL A 149 -10.87 1.98 -16.80
C VAL A 149 -11.70 3.08 -17.44
N VAL A 150 -12.37 3.90 -16.64
CA VAL A 150 -13.18 4.99 -17.16
C VAL A 150 -12.76 6.25 -16.41
N TYR A 151 -12.48 7.32 -17.15
CA TYR A 151 -12.19 8.64 -16.59
C TYR A 151 -13.52 9.38 -16.54
N GLU A 152 -14.07 9.53 -15.33
CA GLU A 152 -15.38 10.13 -15.13
C GLU A 152 -15.25 11.54 -14.59
N ARG A 153 -16.28 12.37 -14.90
CA ARG A 153 -16.34 13.67 -14.26
C ARG A 153 -16.91 13.46 -12.86
N SER A 154 -16.18 13.90 -11.85
N SER A 154 -16.18 13.89 -11.85
CA SER A 154 -16.53 13.66 -10.45
CA SER A 154 -16.58 13.61 -10.47
C SER A 154 -17.84 14.33 -10.04
C SER A 154 -17.94 14.23 -10.13
N TYR A 155 -18.54 13.70 -9.08
CA TYR A 155 -19.74 14.30 -8.52
C TYR A 155 -19.43 15.62 -7.85
N CYS A 156 -18.33 15.68 -7.11
CA CYS A 156 -17.92 16.88 -6.38
C CYS A 156 -17.18 17.84 -7.28
N MET A 157 -17.34 19.14 -7.03
CA MET A 157 -16.58 20.08 -7.84
C MET A 157 -15.09 20.01 -7.50
N THR A 158 -14.75 19.87 -6.22
CA THR A 158 -13.35 19.87 -5.89
C THR A 158 -13.00 18.94 -4.72
N GLY A 159 -13.97 18.63 -3.86
CA GLY A 159 -13.69 17.83 -2.68
C GLY A 159 -13.81 16.32 -2.90
N VAL A 160 -13.96 15.62 -1.79
CA VAL A 160 -13.98 14.17 -1.69
C VAL A 160 -15.38 13.79 -1.36
N LEU A 161 -15.89 12.79 -2.04
CA LEU A 161 -17.22 12.34 -1.75
C LEU A 161 -17.18 11.52 -0.47
N ILE A 162 -17.94 11.92 0.53
CA ILE A 162 -17.99 11.21 1.82
C ILE A 162 -19.48 11.08 2.13
N GLU A 163 -20.04 9.88 1.91
CA GLU A 163 -21.44 9.63 2.20
C GLU A 163 -22.38 10.61 1.47
N GLY A 164 -22.21 10.72 0.16
CA GLY A 164 -23.11 11.58 -0.61
C GLY A 164 -22.90 13.08 -0.47
N LYS A 165 -21.89 13.48 0.31
CA LYS A 165 -21.55 14.87 0.53
C LYS A 165 -20.12 15.13 0.07
N CYS A 166 -19.82 16.39 -0.26
CA CYS A 166 -18.57 16.79 -0.90
C CYS A 166 -17.74 17.55 0.12
N PHE A 167 -16.72 16.91 0.70
CA PHE A 167 -15.91 17.52 1.74
C PHE A 167 -14.59 18.01 1.14
N VAL A 168 -14.24 19.28 1.39
CA VAL A 168 -12.99 19.84 0.90
C VAL A 168 -11.96 20.00 2.02
N PRO A 169 -10.94 19.14 2.13
CA PRO A 169 -9.98 19.24 3.24
C PRO A 169 -9.13 20.47 3.02
N ASP A 170 -8.83 21.20 4.10
CA ASP A 170 -7.84 22.26 3.99
C ASP A 170 -6.51 21.70 3.46
N GLN A 171 -5.80 22.52 2.69
CA GLN A 171 -4.54 22.12 2.12
C GLN A 171 -3.38 22.40 3.05
N SER A 172 -3.54 23.33 3.99
CA SER A 172 -2.39 23.76 4.80
C SER A 172 -2.86 24.18 6.18
N VAL A 173 -1.91 24.44 7.07
CA VAL A 173 -2.25 25.06 8.34
C VAL A 173 -1.40 26.31 8.42
N VAL A 174 -1.67 27.26 7.52
CA VAL A 174 -1.02 28.57 7.51
C VAL A 174 -1.52 29.44 8.67
N SER A 175 -2.83 29.40 8.95
CA SER A 175 -3.46 30.27 9.95
C SER A 175 -4.24 29.38 10.91
N ILE A 176 -3.92 29.44 12.19
CA ILE A 176 -4.69 28.72 13.21
C ILE A 176 -5.87 29.59 13.63
N ILE A 177 -7.09 29.07 13.52
CA ILE A 177 -8.30 29.82 13.84
C ILE A 177 -8.87 29.19 15.12
N LYS A 178 -8.88 29.95 16.23
CA LYS A 178 -9.34 29.41 17.52
C LYS A 178 -10.82 28.97 17.48
N HIS A 179 -11.72 29.81 16.99
CA HIS A 179 -13.17 29.43 16.94
C HIS A 179 -13.61 29.40 15.48
N GLY A 180 -13.35 28.29 14.83
CA GLY A 180 -13.43 28.27 13.40
C GLY A 180 -14.84 27.90 12.93
N ILE A 181 -15.07 28.14 11.65
CA ILE A 181 -16.25 27.65 10.93
C ILE A 181 -15.79 26.52 10.01
N PHE A 182 -16.04 25.26 10.39
CA PHE A 182 -15.36 24.18 9.67
C PHE A 182 -15.96 22.90 10.14
N ASP A 183 -15.61 21.83 9.44
CA ASP A 183 -15.96 20.49 9.86
C ASP A 183 -14.70 19.65 9.86
N ILE A 184 -14.76 18.55 10.61
CA ILE A 184 -13.76 17.48 10.58
C ILE A 184 -14.39 16.27 9.95
N ALA A 185 -13.70 15.67 8.99
CA ALA A 185 -14.16 14.43 8.44
C ALA A 185 -13.03 13.40 8.38
N SER A 186 -13.45 12.16 8.34
CA SER A 186 -12.58 11.00 8.26
C SER A 186 -12.43 10.63 6.78
N VAL A 187 -11.21 10.76 6.25
CA VAL A 187 -10.96 10.70 4.81
C VAL A 187 -10.04 9.54 4.51
N HIS A 188 -10.35 8.78 3.47
CA HIS A 188 -9.54 7.61 3.12
C HIS A 188 -8.17 8.06 2.62
N ILE A 189 -7.13 7.27 2.92
CA ILE A 189 -5.78 7.57 2.46
C ILE A 189 -5.14 6.23 2.05
N VAL A 190 -4.29 6.27 1.01
CA VAL A 190 -3.43 5.13 0.66
C VAL A 190 -1.97 5.61 0.64
N CYS A 191 -1.07 4.78 1.19
CA CYS A 191 0.36 5.08 1.32
C CYS A 191 1.21 3.94 0.78
N PHE A 192 2.27 4.30 0.06
CA PHE A 192 3.18 3.33 -0.59
C PHE A 192 4.59 3.55 -0.04
N PHE A 193 5.26 2.51 0.33
CA PHE A 193 6.62 2.67 0.80
C PHE A 193 7.60 2.78 -0.37
N VAL A 194 8.35 3.88 -0.37
CA VAL A 194 9.40 4.15 -1.34
C VAL A 194 10.75 3.84 -0.67
N ALA A 195 11.45 2.82 -1.17
CA ALA A 195 12.71 2.38 -0.55
C ALA A 195 13.83 3.20 -1.16
N VAL A 196 14.57 3.92 -0.32
CA VAL A 196 15.71 4.70 -0.80
C VAL A 196 16.62 5.07 0.37
N LYS A 197 17.93 4.83 0.21
CA LYS A 197 18.92 5.12 1.25
C LYS A 197 19.35 6.58 1.22
N GLY A 198 19.47 7.14 2.40
CA GLY A 198 20.16 8.39 2.59
C GLY A 198 19.95 8.83 4.03
N ASN A 199 20.72 9.84 4.44
CA ASN A 199 20.64 10.25 5.83
C ASN A 199 19.30 10.87 6.23
N THR A 200 18.49 11.36 5.28
CA THR A 200 17.15 11.86 5.64
C THR A 200 16.08 10.76 5.63
N TYR A 201 16.43 9.55 5.21
CA TYR A 201 15.46 8.47 4.99
C TYR A 201 15.50 7.43 6.07
N LYS A 202 16.04 7.78 7.26
CA LYS A 202 16.18 6.85 8.39
C LYS A 202 14.86 6.84 9.17
N ILE A 203 13.81 6.28 8.53
CA ILE A 203 12.46 6.39 9.06
C ILE A 203 12.39 5.80 10.46
N PHE A 204 13.26 4.80 10.78
CA PHE A 204 13.09 4.17 12.08
C PHE A 204 13.64 5.04 13.20
N GLU A 205 14.49 6.03 12.90
CA GLU A 205 14.82 7.02 13.93
C GLU A 205 13.57 7.78 14.35
N GLN A 206 12.72 8.13 13.37
CA GLN A 206 11.47 8.80 13.69
C GLN A 206 10.49 7.82 14.36
N VAL A 207 10.48 6.54 13.94
CA VAL A 207 9.63 5.58 14.62
C VAL A 207 10.01 5.48 16.11
N LYS A 208 11.31 5.40 16.40
CA LYS A 208 11.79 5.42 17.79
C LYS A 208 11.30 6.66 18.54
N LYS A 209 11.45 7.85 17.94
CA LYS A 209 11.12 9.08 18.66
C LYS A 209 9.63 9.19 18.92
N SER A 210 8.80 8.88 17.91
CA SER A 210 7.37 9.15 17.99
C SER A 210 6.64 8.17 18.89
N PHE A 211 7.06 6.92 18.93
CA PHE A 211 6.27 5.88 19.58
C PHE A 211 6.96 5.25 20.77
N GLU A 212 8.05 5.84 21.27
CA GLU A 212 8.84 5.30 22.38
C GLU A 212 8.82 3.77 22.40
N SER A 213 9.07 3.19 21.24
CA SER A 213 9.20 1.75 21.13
C SER A 213 10.65 1.37 21.44
N THR A 214 10.93 0.07 21.42
CA THR A 214 12.25 -0.44 21.76
C THR A 214 12.98 -0.77 20.46
N CYS A 215 13.77 0.17 19.97
CA CYS A 215 14.57 -0.09 18.80
C CYS A 215 15.97 0.37 19.13
N ASN A 216 16.82 -0.60 19.48
CA ASN A 216 18.25 -0.38 19.37
C ASN A 216 18.63 -0.43 17.89
N ASP A 217 19.93 -0.32 17.63
CA ASP A 217 20.51 -0.36 16.28
C ASP A 217 19.65 0.30 15.22
N THR A 218 18.96 1.40 15.53
CA THR A 218 18.15 1.99 14.48
C THR A 218 18.99 2.31 13.24
N GLU A 219 20.31 2.19 13.31
CA GLU A 219 21.16 2.45 12.15
C GLU A 219 21.19 1.29 11.15
N ASN A 220 20.74 0.11 11.54
CA ASN A 220 20.68 -1.02 10.62
C ASN A 220 19.31 -1.19 9.92
N LYS A 221 18.33 -0.30 10.15
CA LYS A 221 16.94 -0.51 9.70
C LYS A 221 16.63 0.06 8.29
N VAL A 222 15.54 -0.46 7.68
CA VAL A 222 15.21 -0.10 6.30
C VAL A 222 15.08 1.43 6.17
N GLN A 223 15.59 1.98 5.06
CA GLN A 223 15.51 3.40 4.80
C GLN A 223 14.52 3.70 3.66
N GLY A 224 13.76 4.78 3.82
CA GLY A 224 12.85 5.22 2.79
C GLY A 224 11.80 6.09 3.45
N TYR A 225 10.67 6.24 2.76
CA TYR A 225 9.58 7.08 3.24
C TYR A 225 8.30 6.55 2.62
N TYR A 226 7.14 6.90 3.23
CA TYR A 226 5.87 6.59 2.56
C TYR A 226 5.39 7.78 1.73
N ILE A 227 4.83 7.52 0.56
CA ILE A 227 4.22 8.55 -0.25
C ILE A 227 2.72 8.23 -0.32
N CYS A 228 1.87 9.22 0.05
CA CYS A 228 0.46 8.97 0.26
C CYS A 228 -0.40 9.93 -0.58
N ILE A 229 -1.56 9.45 -1.00
CA ILE A 229 -2.61 10.23 -1.63
C ILE A 229 -3.84 10.17 -0.73
N VAL A 230 -4.44 11.34 -0.48
CA VAL A 230 -5.57 11.48 0.42
C VAL A 230 -6.84 11.68 -0.40
N GLY A 231 -7.90 11.00 0.01
CA GLY A 231 -9.21 11.19 -0.55
C GLY A 231 -9.29 10.80 -1.99
N GLY A 232 -8.36 9.97 -2.46
CA GLY A 232 -8.32 9.55 -3.83
C GLY A 232 -7.99 10.66 -4.82
N ASN A 233 -7.49 11.81 -4.35
CA ASN A 233 -7.24 12.98 -5.20
C ASN A 233 -6.49 14.04 -4.39
N SER A 234 -5.16 14.12 -4.47
CA SER A 234 -4.48 15.15 -3.71
C SER A 234 -3.07 15.28 -4.25
N ALA A 235 -2.41 16.37 -3.85
CA ALA A 235 -0.96 16.46 -3.87
C ALA A 235 -0.38 15.37 -2.98
N PRO A 236 0.74 14.74 -3.37
CA PRO A 236 1.35 13.69 -2.51
C PRO A 236 1.78 14.21 -1.13
N ILE A 237 1.62 13.34 -0.13
CA ILE A 237 2.08 13.60 1.25
C ILE A 237 3.26 12.67 1.51
N TYR A 238 4.34 13.21 2.06
CA TYR A 238 5.54 12.42 2.35
C TYR A 238 5.58 12.14 3.85
N VAL A 239 5.71 10.86 4.20
CA VAL A 239 5.51 10.41 5.56
C VAL A 239 6.72 9.60 6.03
N PRO A 240 7.41 10.01 7.13
CA PRO A 240 7.13 11.14 8.00
C PRO A 240 7.67 12.47 7.45
N THR A 241 6.96 13.54 7.75
CA THR A 241 7.44 14.90 7.54
C THR A 241 7.16 15.67 8.83
N LEU A 242 8.20 15.82 9.63
CA LEU A 242 8.12 16.61 10.84
C LEU A 242 7.69 18.02 10.48
N ASP A 243 6.80 18.57 11.30
CA ASP A 243 6.23 19.90 11.08
C ASP A 243 5.30 19.86 9.90
N ASP A 244 4.54 18.75 9.74
CA ASP A 244 3.44 18.59 8.77
C ASP A 244 2.32 17.76 9.40
N PHE A 245 1.20 18.40 9.69
CA PHE A 245 0.19 17.79 10.53
C PHE A 245 -0.38 16.52 9.88
N ARG A 246 -0.65 16.57 8.59
CA ARG A 246 -1.24 15.39 7.97
C ARG A 246 -0.23 14.24 7.80
N SER A 247 1.05 14.52 7.46
CA SER A 247 2.02 13.42 7.43
C SER A 247 2.04 12.71 8.76
N MET A 248 1.91 13.46 9.86
CA MET A 248 2.06 12.81 11.15
C MET A 248 0.82 12.03 11.57
N GLU A 249 -0.38 12.40 11.12
CA GLU A 249 -1.52 11.52 11.36
C GLU A 249 -1.40 10.23 10.56
N ALA A 250 -0.91 10.29 9.31
CA ALA A 250 -0.71 9.06 8.55
C ALA A 250 0.38 8.22 9.17
N PHE A 251 1.44 8.88 9.62
CA PHE A 251 2.54 8.16 10.25
C PHE A 251 2.04 7.34 11.43
N THR A 252 1.21 7.97 12.28
CA THR A 252 0.59 7.24 13.40
C THR A 252 -0.29 6.11 12.89
N GLY A 253 -1.08 6.39 11.85
CA GLY A 253 -1.90 5.35 11.29
C GLY A 253 -1.10 4.16 10.77
N ILE A 254 0.02 4.42 10.08
CA ILE A 254 0.78 3.30 9.50
C ILE A 254 1.37 2.46 10.61
N PHE A 255 1.93 3.08 11.63
CA PHE A 255 2.61 2.31 12.64
C PHE A 255 1.74 1.83 13.81
N ARG A 256 0.53 2.38 14.01
CA ARG A 256 -0.35 1.89 15.08
C ARG A 256 -1.48 1.02 14.58
N SER A 257 -1.86 1.14 13.32
CA SER A 257 -3.03 0.42 12.81
C SER A 257 -2.71 -0.09 11.41
N PRO A 258 -1.73 -0.99 11.27
CA PRO A 258 -1.47 -1.53 9.93
C PRO A 258 -2.62 -2.41 9.42
N HIS A 259 -3.54 -2.82 10.31
CA HIS A 259 -4.79 -3.54 9.97
C HIS A 259 -6.04 -2.84 10.54
N ILE A 270 -18.62 -12.77 12.44
CA ILE A 270 -17.57 -13.73 12.84
C ILE A 270 -16.34 -13.66 11.94
N ALA A 271 -15.16 -13.94 12.49
CA ALA A 271 -13.94 -13.80 11.72
C ALA A 271 -13.98 -14.71 10.51
N SER A 272 -13.40 -14.23 9.43
CA SER A 272 -13.31 -14.98 8.20
C SER A 272 -12.06 -15.83 8.15
N TYR A 273 -11.12 -15.61 9.07
CA TYR A 273 -9.87 -16.35 9.12
C TYR A 273 -9.66 -16.83 10.53
N SER A 274 -8.80 -17.82 10.66
CA SER A 274 -8.49 -18.40 11.95
C SER A 274 -6.98 -18.43 12.12
N ILE A 275 -6.52 -18.12 13.33
CA ILE A 275 -5.08 -18.06 13.59
C ILE A 275 -4.58 -19.45 13.91
N VAL A 276 -3.48 -19.85 13.27
CA VAL A 276 -3.08 -21.24 13.45
C VAL A 276 -1.91 -21.38 14.42
N GLY A 277 -1.00 -20.40 14.44
CA GLY A 277 0.23 -20.55 15.17
C GLY A 277 1.32 -19.63 14.69
N PRO A 278 2.28 -19.40 15.55
CA PRO A 278 3.44 -18.58 15.18
C PRO A 278 4.34 -19.31 14.19
N ALA A 279 5.19 -18.53 13.51
CA ALA A 279 6.13 -19.04 12.52
C ALA A 279 7.26 -18.02 12.44
N ASN A 280 8.46 -18.47 12.13
CA ASN A 280 9.59 -17.57 11.90
C ASN A 280 10.19 -17.90 10.54
N ALA A 281 10.85 -16.93 9.91
CA ALA A 281 11.35 -17.19 8.56
C ALA A 281 12.71 -16.53 8.37
N LYS A 282 13.48 -17.11 7.45
CA LYS A 282 14.71 -16.49 6.97
C LYS A 282 14.40 -15.50 5.84
N VAL A 283 14.73 -14.23 6.05
CA VAL A 283 14.62 -13.22 5.02
C VAL A 283 15.94 -12.48 4.90
N PRO A 284 16.64 -12.52 3.76
CA PRO A 284 16.32 -13.37 2.59
C PRO A 284 16.59 -14.85 2.82
N HIS A 285 16.37 -15.65 1.78
CA HIS A 285 16.44 -17.10 1.89
C HIS A 285 17.75 -17.56 2.50
N SER A 286 18.84 -16.83 2.24
CA SER A 286 20.17 -17.24 2.66
C SER A 286 20.58 -16.75 4.05
N ALA A 287 19.71 -16.07 4.81
CA ALA A 287 20.12 -15.57 6.13
C ALA A 287 20.52 -16.74 7.04
N SER A 288 21.47 -16.51 7.96
CA SER A 288 21.95 -17.64 8.74
C SER A 288 20.97 -18.02 9.85
N SER A 289 20.06 -17.13 10.21
CA SER A 289 19.06 -17.44 11.21
C SER A 289 17.79 -16.71 10.81
N ASP A 290 16.72 -16.91 11.60
CA ASP A 290 15.44 -16.31 11.24
C ASP A 290 15.50 -14.81 11.49
N THR A 291 14.97 -14.05 10.56
CA THR A 291 14.98 -12.59 10.65
C THR A 291 13.60 -12.01 10.67
N LEU A 292 12.54 -12.84 10.51
CA LEU A 292 11.19 -12.33 10.50
C LEU A 292 10.27 -13.24 11.31
N SER A 293 9.41 -12.63 12.14
CA SER A 293 8.34 -13.37 12.82
C SER A 293 7.03 -13.15 12.10
N LEU A 294 6.18 -14.18 12.09
CA LEU A 294 4.90 -14.12 11.38
C LEU A 294 3.90 -14.94 12.18
N ILE A 295 2.64 -14.86 11.77
CA ILE A 295 1.56 -15.69 12.33
C ILE A 295 0.87 -16.38 11.16
N ALA A 296 0.90 -17.72 11.16
CA ALA A 296 0.17 -18.51 10.18
C ALA A 296 -1.32 -18.43 10.44
N TYR A 297 -2.09 -18.28 9.36
CA TYR A 297 -3.54 -18.26 9.45
C TYR A 297 -4.12 -19.14 8.36
N SER A 298 -5.37 -19.54 8.57
N SER A 298 -5.38 -19.50 8.56
CA SER A 298 -6.16 -20.28 7.60
CA SER A 298 -6.16 -20.24 7.57
C SER A 298 -7.47 -19.53 7.34
C SER A 298 -7.46 -19.49 7.31
N GLY A 299 -8.03 -19.72 6.15
CA GLY A 299 -9.29 -19.07 5.83
C GLY A 299 -9.17 -18.15 4.63
N ILE A 300 -10.12 -17.24 4.45
CA ILE A 300 -10.19 -16.31 3.32
C ILE A 300 -8.96 -15.41 3.32
N PRO A 301 -8.32 -15.09 2.17
CA PRO A 301 -7.18 -14.16 2.19
C PRO A 301 -7.54 -12.86 2.95
N SER A 302 -6.67 -12.48 3.88
CA SER A 302 -7.00 -11.36 4.75
C SER A 302 -5.79 -10.45 4.85
N TYR A 303 -5.98 -9.17 4.49
CA TYR A 303 -4.91 -8.16 4.54
C TYR A 303 -3.74 -8.44 3.56
N SER A 304 -2.90 -7.45 3.32
CA SER A 304 -1.90 -7.57 2.26
C SER A 304 -0.90 -8.62 2.68
N SER A 305 -0.39 -9.38 1.70
CA SER A 305 0.69 -10.33 1.91
C SER A 305 2.07 -9.75 1.57
N LEU A 306 2.14 -8.48 1.27
CA LEU A 306 3.39 -7.81 0.86
C LEU A 306 3.89 -6.88 1.96
N SER A 307 5.15 -7.02 2.34
CA SER A 307 5.75 -6.19 3.36
C SER A 307 7.24 -5.99 3.07
N ILE A 308 7.91 -5.24 3.95
CA ILE A 308 9.35 -4.99 3.79
C ILE A 308 10.02 -5.28 5.10
N LEU A 309 11.14 -6.02 5.04
CA LEU A 309 11.85 -6.37 6.29
C LEU A 309 12.36 -5.13 7.03
N THR A 310 12.18 -5.09 8.33
CA THR A 310 12.62 -3.91 9.07
C THR A 310 14.16 -3.83 9.17
N SER A 311 14.83 -4.95 9.46
CA SER A 311 16.22 -4.91 9.89
C SER A 311 17.25 -5.02 8.75
N SER A 312 16.97 -4.52 7.55
CA SER A 312 17.97 -4.42 6.49
C SER A 312 17.83 -3.05 5.85
N THR A 313 18.90 -2.22 5.89
CA THR A 313 18.78 -0.87 5.35
C THR A 313 18.43 -0.88 3.86
N GLU A 314 18.94 -1.83 3.10
CA GLU A 314 18.48 -2.03 1.72
C GLU A 314 17.22 -2.87 1.76
N ALA A 315 16.12 -2.37 1.19
CA ALA A 315 14.83 -3.00 1.41
C ALA A 315 14.78 -4.44 0.92
N LYS A 316 14.33 -5.35 1.79
CA LYS A 316 14.12 -6.76 1.45
C LYS A 316 12.61 -6.96 1.41
N HIS A 317 12.05 -7.07 0.20
CA HIS A 317 10.61 -7.20 0.06
C HIS A 317 10.19 -8.63 0.34
N VAL A 318 9.07 -8.79 1.03
CA VAL A 318 8.59 -10.06 1.56
C VAL A 318 7.20 -10.30 1.00
N PHE A 319 6.94 -11.53 0.55
CA PHE A 319 5.61 -11.93 0.10
C PHE A 319 5.26 -13.21 0.91
N SER A 320 4.26 -13.13 1.78
CA SER A 320 4.02 -14.17 2.78
C SER A 320 2.59 -14.70 2.69
N PRO A 321 2.26 -15.41 1.61
CA PRO A 321 0.91 -16.01 1.47
C PRO A 321 0.55 -16.92 2.61
N GLY A 322 -0.62 -16.66 3.22
CA GLY A 322 -1.06 -17.45 4.36
C GLY A 322 -0.39 -17.09 5.68
N LEU A 323 0.39 -15.99 5.75
CA LEU A 323 0.95 -15.55 7.02
C LEU A 323 0.83 -14.03 7.17
N PHE A 324 0.60 -13.60 8.41
CA PHE A 324 0.62 -12.20 8.80
C PHE A 324 2.04 -11.87 9.27
N PRO A 325 2.79 -11.06 8.55
CA PRO A 325 4.09 -10.61 9.11
C PRO A 325 3.89 -9.77 10.36
N LYS A 326 4.85 -9.85 11.29
CA LYS A 326 4.80 -9.02 12.51
C LYS A 326 4.96 -7.56 12.11
N LEU A 327 3.91 -6.74 12.27
CA LEU A 327 3.94 -5.35 11.85
C LEU A 327 3.94 -4.43 13.05
N ASN A 328 4.24 -4.98 14.20
CA ASN A 328 4.19 -4.30 15.49
C ASN A 328 5.62 -4.07 15.94
N HIS A 329 5.97 -2.82 16.21
CA HIS A 329 7.36 -2.42 16.40
C HIS A 329 7.72 -2.16 17.87
N THR A 330 6.92 -2.68 18.79
CA THR A 330 7.32 -2.70 20.19
C THR A 330 8.71 -3.30 20.36
N ASN A 331 8.95 -4.46 19.75
CA ASN A 331 10.25 -5.11 19.90
C ASN A 331 11.23 -4.80 18.79
N CYS A 332 10.75 -4.56 17.57
CA CYS A 332 11.53 -4.08 16.43
C CYS A 332 12.29 -5.22 15.75
N ASP A 333 12.91 -6.09 16.55
CA ASP A 333 13.55 -7.27 15.98
C ASP A 333 12.51 -8.18 15.31
N LYS A 334 12.94 -8.77 14.21
CA LYS A 334 12.09 -9.69 13.44
C LYS A 334 10.75 -9.08 13.04
N SER A 335 10.70 -7.77 12.77
CA SER A 335 9.47 -7.13 12.30
C SER A 335 9.58 -6.72 10.82
N ALA A 336 8.47 -6.21 10.28
CA ALA A 336 8.39 -5.73 8.91
C ALA A 336 7.48 -4.51 8.89
N ILE A 337 7.44 -3.83 7.76
CA ILE A 337 6.51 -2.71 7.57
C ILE A 337 5.66 -2.98 6.35
N PRO A 338 4.50 -2.36 6.28
CA PRO A 338 3.64 -2.57 5.11
C PRO A 338 4.21 -1.94 3.86
N LEU A 339 4.06 -2.63 2.72
CA LEU A 339 4.43 -2.03 1.44
C LEU A 339 3.38 -0.99 1.02
N ILE A 340 2.11 -1.36 1.16
CA ILE A 340 0.94 -0.54 0.83
C ILE A 340 0.09 -0.50 2.08
N TRP A 341 -0.15 0.68 2.60
CA TRP A 341 -1.05 0.83 3.74
C TRP A 341 -2.27 1.65 3.36
N THR A 342 -3.43 1.25 3.83
CA THR A 342 -4.67 2.00 3.57
C THR A 342 -5.37 2.25 4.91
N GLY A 343 -5.94 3.43 5.05
CA GLY A 343 -6.61 3.79 6.29
C GLY A 343 -7.47 5.03 6.12
N MET A 344 -7.76 5.67 7.26
CA MET A 344 -8.54 6.91 7.33
C MET A 344 -7.78 7.86 8.24
N ILE A 345 -7.77 9.12 7.91
CA ILE A 345 -7.29 10.13 8.85
C ILE A 345 -8.32 11.25 8.90
N ASP A 346 -8.34 11.96 10.01
CA ASP A 346 -9.30 13.05 10.24
C ASP A 346 -8.69 14.34 9.73
N LEU A 347 -9.43 15.08 8.91
CA LEU A 347 -8.91 16.32 8.38
C LEU A 347 -9.91 17.44 8.60
N PRO A 348 -9.46 18.63 8.92
CA PRO A 348 -10.37 19.79 8.88
C PRO A 348 -10.59 20.28 7.46
N GLY A 349 -11.75 20.89 7.29
CA GLY A 349 -12.17 21.35 5.99
C GLY A 349 -13.58 21.88 6.06
N TYR A 350 -14.30 21.78 4.94
CA TYR A 350 -15.68 22.26 4.93
C TYR A 350 -16.41 21.51 3.82
N TYR A 351 -17.74 21.47 3.90
CA TYR A 351 -18.54 20.78 2.88
C TYR A 351 -18.95 21.80 1.81
N GLU A 352 -18.75 21.46 0.55
CA GLU A 352 -19.21 22.31 -0.57
C GLU A 352 -20.73 22.50 -0.49
N PHE A 353 -21.21 23.62 -1.01
CA PHE A 353 -22.67 23.83 -1.08
C PHE A 353 -22.99 24.95 -2.05
#